data_6XIE
#
_entry.id   6XIE
#
_cell.length_a   70.875
_cell.length_b   70.875
_cell.length_c   166.304
_cell.angle_alpha   90.000
_cell.angle_beta   90.000
_cell.angle_gamma   120.000
#
_symmetry.space_group_name_H-M   'P 31 2 1'
#
loop_
_entity.id
_entity.type
_entity.pdbx_description
1 polymer 'Proprotein convertase subtilisin/kexin type 9'
2 polymer 'Proprotein convertase subtilisin/kexin type 9'
3 polymer 'Peptide 77'
4 non-polymer GLYCEROL
5 water water
#
loop_
_entity_poly.entity_id
_entity_poly.type
_entity_poly.pdbx_seq_one_letter_code
_entity_poly.pdbx_strand_id
1 'polypeptide(L)'
;QEDEDGDYEELVLALRSEEDGLAEAPEHGTTATFHRCAKDPWRLPGTYVVVLKEETHLSQSERTARRLQAQAARRGYLTK
ILHVFHGLLPGFLVKMSGDLLELALKLPHVDYIEEDSSVFAQ
;
A
2 'polypeptide(L)'
;SIPWNLERITPPRYRADEYQPPDGGSLVEVYLLDTSIQSDHREIEGRVMVTDFENVPEEDGTRFHRQASKCDSHGTHLAG
VVSGRDAGVAKGASMRSLRVLNCQGKGTVSGTLIGLEFIRKSQLVQPVGPLVVLLPLAGGYSRVLNAACQRLARAGVVLV
TAAGNFRDDACLYSPASAPEVITVGATNAQDQPVTLGTLGTNFGRCVDLFAPGEDIIGASSDCSTCFVSQSGTSQAAAHV
AGIAAMMLSAEPELTLAELRQRLIHFSAKDVINEAWFPEDQRVLTPNLVAALPPSTHGAGNSHHHHHH
;
B
3 'polypeptide(L)' (Z9J)A(DAL)(APD)(FTR)QT(0A1)(3WX) I
#
loop_
_chem_comp.id
_chem_comp.type
_chem_comp.name
_chem_comp.formula
3WX peptide-like 2-methyl-L-proline 'C6 H11 N O2'
APD non-polymer 3-METHYLPHENYLALANINE 'C10 H13 N O2'
GOL non-polymer GLYCEROL 'C3 H8 O3'
#
# COMPACT_ATOMS: atom_id res chain seq x y z
N THR A 31 -19.88 6.78 23.67
CA THR A 31 -18.47 6.41 23.73
C THR A 31 -17.82 6.42 22.33
N ALA A 32 -18.59 6.07 21.31
CA ALA A 32 -18.08 6.01 19.95
C ALA A 32 -17.80 7.40 19.40
N THR A 33 -16.78 7.50 18.53
CA THR A 33 -16.39 8.77 17.94
C THR A 33 -16.49 8.77 16.43
N PHE A 34 -16.60 9.95 15.83
CA PHE A 34 -16.68 10.14 14.38
C PHE A 34 -15.38 10.79 13.88
N HIS A 35 -14.89 10.34 12.72
CA HIS A 35 -13.64 10.82 12.13
C HIS A 35 -13.81 11.04 10.65
N ARG A 36 -13.23 12.12 10.11
CA ARG A 36 -13.26 12.37 8.68
C ARG A 36 -11.90 12.95 8.28
N CYS A 37 -11.55 12.79 7.02
CA CYS A 37 -10.23 13.20 6.51
C CYS A 37 -9.97 14.68 6.70
N ALA A 38 -8.79 14.98 7.22
CA ALA A 38 -8.37 16.36 7.44
C ALA A 38 -8.07 17.08 6.14
N LYS A 39 -7.77 16.34 5.06
CA LYS A 39 -7.52 16.95 3.77
C LYS A 39 -8.88 17.01 3.12
N ASP A 40 -9.56 18.15 3.31
CA ASP A 40 -10.95 18.29 2.89
C ASP A 40 -11.21 17.90 1.42
N PRO A 41 -10.32 18.20 0.43
CA PRO A 41 -10.63 17.76 -0.96
C PRO A 41 -10.60 16.23 -1.16
N TRP A 42 -10.01 15.51 -0.21
CA TRP A 42 -9.94 14.04 -0.33
C TRP A 42 -11.09 13.32 0.34
N ARG A 43 -12.01 14.06 1.00
CA ARG A 43 -13.16 13.45 1.63
C ARG A 43 -14.12 12.92 0.60
N LEU A 44 -14.84 11.84 0.99
CA LEU A 44 -15.89 11.27 0.16
C LEU A 44 -17.16 11.20 1.01
N PRO A 45 -17.82 12.36 1.24
CA PRO A 45 -19.04 12.35 2.06
C PRO A 45 -20.13 11.45 1.49
N GLY A 46 -20.94 10.89 2.37
CA GLY A 46 -22.06 10.05 1.93
C GLY A 46 -21.81 8.56 2.06
N THR A 47 -20.56 8.16 2.36
CA THR A 47 -20.19 6.76 2.58
C THR A 47 -19.37 6.68 3.86
N TYR A 48 -19.75 5.77 4.76
CA TYR A 48 -19.13 5.69 6.07
C TYR A 48 -18.71 4.28 6.41
N VAL A 49 -17.59 4.16 7.08
CA VAL A 49 -17.11 2.88 7.58
C VAL A 49 -17.46 2.84 9.05
N VAL A 50 -18.37 1.93 9.43
CA VAL A 50 -18.77 1.78 10.81
C VAL A 50 -17.93 0.66 11.38
N VAL A 51 -17.08 0.96 12.34
CA VAL A 51 -16.17 0.00 12.94
C VAL A 51 -16.67 -0.41 14.31
N LEU A 52 -16.86 -1.73 14.50
CA LEU A 52 -17.34 -2.24 15.76
C LEU A 52 -16.17 -2.66 16.66
N LYS A 53 -16.46 -2.87 17.96
CA LYS A 53 -15.45 -3.22 18.93
C LYS A 53 -14.78 -4.52 18.58
N GLU A 54 -13.51 -4.67 19.01
CA GLU A 54 -12.70 -5.86 18.81
C GLU A 54 -13.43 -7.06 19.40
N GLU A 55 -13.43 -8.18 18.70
CA GLU A 55 -14.11 -9.40 19.11
C GLU A 55 -15.60 -9.42 18.75
N THR A 56 -16.16 -8.33 18.13
CA THR A 56 -17.54 -8.38 17.66
C THR A 56 -17.61 -9.42 16.54
N HIS A 57 -18.56 -10.35 16.64
CA HIS A 57 -18.67 -11.41 15.64
C HIS A 57 -19.43 -10.96 14.41
N LEU A 58 -19.18 -11.58 13.25
CA LEU A 58 -19.87 -11.31 11.97
C LEU A 58 -21.40 -11.28 12.13
N SER A 59 -21.96 -12.24 12.89
CA SER A 59 -23.42 -12.26 13.13
C SER A 59 -23.88 -10.98 13.83
N GLN A 60 -23.10 -10.47 14.79
CA GLN A 60 -23.45 -9.22 15.49
C GLN A 60 -23.29 -8.04 14.52
N SER A 61 -22.25 -8.04 13.66
CA SER A 61 -22.06 -6.95 12.69
C SER A 61 -23.21 -6.85 11.69
N GLU A 62 -23.68 -8.00 11.19
CA GLU A 62 -24.79 -8.02 10.26
C GLU A 62 -26.08 -7.51 10.95
N ARG A 63 -26.32 -7.92 12.23
CA ARG A 63 -27.51 -7.49 12.97
C ARG A 63 -27.45 -5.99 13.25
N THR A 64 -26.25 -5.48 13.57
CA THR A 64 -26.09 -4.03 13.82
C THR A 64 -26.36 -3.25 12.54
N ALA A 65 -25.89 -3.76 11.39
CA ALA A 65 -26.17 -3.12 10.12
C ALA A 65 -27.68 -3.08 9.82
N ARG A 66 -28.38 -4.19 10.10
CA ARG A 66 -29.84 -4.23 9.88
C ARG A 66 -30.56 -3.25 10.81
N ARG A 67 -30.08 -3.10 12.04
CA ARG A 67 -30.66 -2.20 13.03
C ARG A 67 -30.53 -0.76 12.54
N LEU A 68 -29.33 -0.38 12.01
CA LEU A 68 -29.16 0.97 11.48
C LEU A 68 -30.13 1.22 10.31
N GLN A 69 -30.27 0.24 9.40
CA GLN A 69 -31.17 0.39 8.26
C GLN A 69 -32.62 0.60 8.70
N ALA A 70 -33.07 -0.15 9.72
CA ALA A 70 -34.43 -0.04 10.22
C ALA A 70 -34.67 1.31 10.92
N GLN A 71 -33.71 1.77 11.73
CA GLN A 71 -33.85 3.05 12.43
C GLN A 71 -33.85 4.21 11.45
N ALA A 72 -33.00 4.13 10.40
CA ALA A 72 -32.91 5.18 9.39
C ALA A 72 -34.20 5.25 8.57
N ALA A 73 -34.76 4.09 8.18
CA ALA A 73 -35.99 4.03 7.41
C ALA A 73 -37.17 4.63 8.20
N ARG A 74 -37.19 4.44 9.53
CA ARG A 74 -38.24 5.03 10.38
C ARG A 74 -38.21 6.57 10.35
N ARG A 75 -37.02 7.13 10.11
CA ARG A 75 -36.80 8.57 10.01
C ARG A 75 -36.87 9.10 8.58
N GLY A 76 -37.25 8.27 7.62
CA GLY A 76 -37.39 8.64 6.22
C GLY A 76 -36.14 8.63 5.37
N TYR A 77 -35.05 7.99 5.86
CA TYR A 77 -33.80 7.95 5.09
C TYR A 77 -33.54 6.61 4.44
N LEU A 78 -33.11 6.62 3.19
CA LEU A 78 -32.71 5.40 2.52
C LEU A 78 -31.24 5.12 2.84
N THR A 79 -30.89 3.85 3.10
CA THR A 79 -29.51 3.47 3.37
C THR A 79 -29.16 2.25 2.51
N LYS A 80 -27.85 2.01 2.30
CA LYS A 80 -27.42 0.82 1.58
C LYS A 80 -26.18 0.26 2.25
N ILE A 81 -26.22 -1.03 2.61
CA ILE A 81 -25.07 -1.70 3.20
C ILE A 81 -24.23 -2.25 2.06
N LEU A 82 -23.10 -1.61 1.77
CA LEU A 82 -22.27 -1.98 0.64
C LEU A 82 -21.40 -3.17 0.91
N HIS A 83 -21.00 -3.38 2.17
CA HIS A 83 -20.12 -4.47 2.56
C HIS A 83 -20.19 -4.69 4.06
N VAL A 84 -20.06 -5.95 4.48
CA VAL A 84 -19.93 -6.28 5.88
C VAL A 84 -18.52 -6.86 6.13
N PHE A 85 -17.74 -6.20 6.99
CA PHE A 85 -16.38 -6.57 7.35
C PHE A 85 -16.27 -7.61 8.45
N HIS A 86 -15.31 -8.53 8.28
CA HIS A 86 -14.94 -9.52 9.27
C HIS A 86 -13.61 -10.15 8.82
N GLY A 87 -12.75 -10.45 9.77
CA GLY A 87 -11.46 -11.05 9.44
C GLY A 87 -10.30 -10.20 9.91
N LEU A 88 -10.39 -8.88 9.74
CA LEU A 88 -9.38 -7.97 10.25
C LEU A 88 -10.13 -7.09 11.26
N LEU A 89 -11.10 -6.32 10.76
CA LEU A 89 -11.89 -5.47 11.61
C LEU A 89 -13.34 -5.86 11.45
N PRO A 90 -14.12 -5.83 12.54
CA PRO A 90 -15.56 -6.07 12.40
C PRO A 90 -16.28 -4.75 12.08
N GLY A 91 -17.31 -4.82 11.27
CA GLY A 91 -18.09 -3.62 10.94
C GLY A 91 -18.72 -3.67 9.58
N PHE A 92 -19.06 -2.52 9.03
CA PHE A 92 -19.69 -2.47 7.72
C PHE A 92 -19.52 -1.14 7.02
N LEU A 93 -19.72 -1.13 5.73
CA LEU A 93 -19.62 0.04 4.87
C LEU A 93 -21.05 0.43 4.51
N VAL A 94 -21.44 1.68 4.78
CA VAL A 94 -22.81 2.11 4.52
C VAL A 94 -22.88 3.38 3.73
N LYS A 95 -23.72 3.40 2.72
CA LYS A 95 -24.00 4.61 1.96
C LYS A 95 -25.22 5.21 2.62
N MET A 96 -25.08 6.40 3.21
CA MET A 96 -26.21 7.04 3.89
C MET A 96 -25.88 8.52 4.10
N SER A 97 -26.92 9.32 4.39
CA SER A 97 -26.73 10.73 4.73
C SER A 97 -25.95 10.81 6.05
N GLY A 98 -25.02 11.78 6.14
CA GLY A 98 -24.31 12.03 7.38
C GLY A 98 -25.23 12.51 8.50
N ASP A 99 -26.49 12.95 8.16
CA ASP A 99 -27.47 13.31 9.20
C ASP A 99 -27.68 12.17 10.21
N LEU A 100 -27.46 10.91 9.77
CA LEU A 100 -27.66 9.75 10.61
C LEU A 100 -26.48 9.39 11.51
N LEU A 101 -25.38 10.18 11.51
CA LEU A 101 -24.22 9.84 12.31
C LEU A 101 -24.47 9.82 13.81
N GLU A 102 -25.21 10.80 14.38
CA GLU A 102 -25.49 10.78 15.82
C GLU A 102 -26.24 9.48 16.21
N LEU A 103 -27.19 9.08 15.37
CA LEU A 103 -27.96 7.87 15.60
C LEU A 103 -27.05 6.64 15.45
N ALA A 104 -26.21 6.62 14.40
CA ALA A 104 -25.34 5.46 14.19
C ALA A 104 -24.32 5.27 15.31
N LEU A 105 -23.82 6.38 15.89
CA LEU A 105 -22.88 6.28 17.00
C LEU A 105 -23.47 5.69 18.28
N LYS A 106 -24.82 5.62 18.36
CA LYS A 106 -25.49 5.03 19.53
C LYS A 106 -25.76 3.52 19.37
N LEU A 107 -25.48 2.94 18.18
CA LEU A 107 -25.72 1.51 17.95
C LEU A 107 -24.87 0.68 18.87
N PRO A 108 -25.39 -0.49 19.29
CA PRO A 108 -24.57 -1.35 20.16
C PRO A 108 -23.30 -1.80 19.41
N HIS A 109 -22.24 -2.01 20.16
CA HIS A 109 -20.95 -2.51 19.65
C HIS A 109 -20.12 -1.49 18.86
N VAL A 110 -20.65 -0.27 18.56
CA VAL A 110 -19.85 0.69 17.77
C VAL A 110 -18.59 1.17 18.51
N ASP A 111 -17.44 1.13 17.81
CA ASP A 111 -16.17 1.64 18.33
C ASP A 111 -16.00 3.07 17.78
N TYR A 112 -16.10 3.22 16.46
CA TYR A 112 -16.01 4.54 15.83
C TYR A 112 -16.54 4.46 14.42
N ILE A 113 -16.79 5.62 13.82
CA ILE A 113 -17.24 5.70 12.45
C ILE A 113 -16.31 6.63 11.70
N GLU A 114 -15.90 6.24 10.49
CA GLU A 114 -15.03 7.10 9.68
C GLU A 114 -15.61 7.35 8.31
N GLU A 115 -15.70 8.65 7.89
CA GLU A 115 -16.15 8.96 6.57
C GLU A 115 -15.11 8.45 5.54
N ASP A 116 -15.57 7.83 4.44
CA ASP A 116 -14.63 7.35 3.40
C ASP A 116 -13.82 8.52 2.83
N SER A 117 -12.65 8.22 2.29
CA SER A 117 -11.78 9.24 1.71
C SER A 117 -10.90 8.61 0.63
N SER A 118 -10.29 9.44 -0.20
CA SER A 118 -9.51 8.98 -1.34
C SER A 118 -8.10 8.53 -0.99
N VAL A 119 -7.57 7.59 -1.78
CA VAL A 119 -6.15 7.22 -1.76
C VAL A 119 -5.64 7.35 -3.20
N PHE A 120 -4.33 7.57 -3.34
CA PHE A 120 -3.75 7.85 -4.66
C PHE A 120 -2.48 7.08 -4.89
N ALA A 121 -2.25 6.66 -6.14
CA ALA A 121 -1.01 6.01 -6.56
C ALA A 121 0.17 6.92 -6.23
N GLN A 122 1.23 6.36 -5.64
CA GLN A 122 2.42 7.14 -5.32
C GLN A 122 3.57 6.84 -6.31
N SER B 1 25.51 -3.86 -18.95
CA SER B 1 25.19 -2.82 -17.96
C SER B 1 23.88 -3.15 -17.21
N ILE B 2 23.67 -2.52 -16.03
CA ILE B 2 22.49 -2.82 -15.22
C ILE B 2 21.84 -1.53 -14.71
N PRO B 3 20.50 -1.48 -14.55
CA PRO B 3 19.87 -0.26 -14.01
C PRO B 3 20.51 0.16 -12.68
N TRP B 4 20.78 1.46 -12.51
CA TRP B 4 21.46 1.98 -11.34
C TRP B 4 20.92 1.47 -10.00
N ASN B 5 19.59 1.36 -9.91
CA ASN B 5 18.89 0.94 -8.69
C ASN B 5 19.21 -0.50 -8.30
N LEU B 6 19.34 -1.38 -9.29
CA LEU B 6 19.68 -2.79 -8.99
C LEU B 6 21.15 -2.90 -8.51
N GLU B 7 22.02 -2.04 -9.04
CA GLU B 7 23.40 -1.98 -8.61
C GLU B 7 23.48 -1.41 -7.19
N ARG B 8 22.66 -0.38 -6.90
CA ARG B 8 22.66 0.29 -5.59
C ARG B 8 22.29 -0.62 -4.43
N ILE B 9 21.31 -1.52 -4.64
CA ILE B 9 20.92 -2.45 -3.59
C ILE B 9 21.80 -3.71 -3.54
N THR B 10 22.70 -3.90 -4.51
CA THR B 10 23.57 -5.08 -4.52
C THR B 10 24.87 -4.75 -3.82
N PRO B 11 25.16 -5.40 -2.68
CA PRO B 11 26.41 -5.10 -1.97
C PRO B 11 27.66 -5.63 -2.66
N PRO B 22 20.07 -14.04 -8.76
CA PRO B 22 19.94 -15.47 -8.40
C PRO B 22 18.50 -16.01 -8.43
N ASP B 23 17.52 -15.17 -8.85
CA ASP B 23 16.11 -15.51 -8.87
C ASP B 23 15.63 -15.91 -7.51
N GLY B 24 15.86 -15.02 -6.55
CA GLY B 24 15.49 -15.27 -5.18
C GLY B 24 14.08 -14.82 -4.84
N GLY B 25 13.71 -15.07 -3.60
CA GLY B 25 12.39 -14.73 -3.09
C GLY B 25 11.31 -15.75 -3.47
N SER B 26 11.70 -16.96 -3.96
CA SER B 26 10.71 -17.96 -4.42
C SER B 26 9.75 -18.51 -3.36
N LEU B 27 10.11 -18.41 -2.08
CA LEU B 27 9.21 -18.91 -1.02
C LEU B 27 8.10 -17.92 -0.63
N VAL B 28 8.17 -16.68 -1.15
CA VAL B 28 7.26 -15.61 -0.77
C VAL B 28 6.29 -15.24 -1.86
N GLU B 29 5.06 -14.90 -1.46
CA GLU B 29 4.09 -14.37 -2.39
C GLU B 29 3.92 -12.89 -2.03
N VAL B 30 3.96 -12.04 -3.04
CA VAL B 30 3.79 -10.61 -2.84
C VAL B 30 2.46 -10.19 -3.40
N TYR B 31 1.59 -9.65 -2.55
CA TYR B 31 0.32 -9.12 -2.98
C TYR B 31 0.49 -7.66 -3.33
N LEU B 32 -0.10 -7.25 -4.44
CA LEU B 32 0.02 -5.86 -4.89
C LEU B 32 -1.38 -5.23 -4.96
N LEU B 33 -1.63 -4.14 -4.21
CA LEU B 33 -2.93 -3.45 -4.27
C LEU B 33 -2.65 -2.20 -5.10
N ASP B 34 -3.14 -2.15 -6.34
CA ASP B 34 -2.74 -1.07 -7.24
C ASP B 34 -3.74 -0.92 -8.39
N THR B 35 -3.32 -0.33 -9.51
CA THR B 35 -4.14 -0.20 -10.70
C THR B 35 -4.27 -1.61 -11.34
N SER B 36 -5.02 -1.71 -12.46
CA SER B 36 -5.00 -2.92 -13.27
C SER B 36 -3.56 -3.17 -13.78
N ILE B 37 -3.24 -4.42 -14.14
CA ILE B 37 -1.89 -4.77 -14.58
C ILE B 37 -1.95 -5.46 -15.94
N GLN B 38 -0.98 -5.19 -16.82
CA GLN B 38 -0.93 -5.86 -18.12
C GLN B 38 -0.16 -7.13 -17.82
N SER B 39 -0.85 -8.16 -17.34
CA SER B 39 -0.18 -9.38 -16.88
C SER B 39 0.46 -10.22 -17.99
N ASP B 40 0.20 -9.90 -19.25
CA ASP B 40 0.80 -10.57 -20.41
C ASP B 40 2.09 -9.89 -20.87
N HIS B 41 2.54 -8.80 -20.20
CA HIS B 41 3.81 -8.14 -20.55
C HIS B 41 4.93 -9.15 -20.34
N ARG B 42 5.85 -9.29 -21.31
CA ARG B 42 6.91 -10.28 -21.22
C ARG B 42 7.74 -10.21 -19.95
N GLU B 43 7.85 -9.02 -19.36
CA GLU B 43 8.62 -8.85 -18.13
C GLU B 43 8.01 -9.59 -16.91
N ILE B 44 6.68 -9.68 -16.85
CA ILE B 44 5.99 -10.25 -15.69
C ILE B 44 5.04 -11.42 -16.01
N GLU B 45 4.90 -11.80 -17.29
CA GLU B 45 4.00 -12.90 -17.68
C GLU B 45 4.36 -14.20 -16.94
N GLY B 46 3.38 -14.83 -16.32
CA GLY B 46 3.63 -16.06 -15.55
C GLY B 46 4.07 -15.83 -14.11
N ARG B 47 4.41 -14.59 -13.77
CA ARG B 47 4.85 -14.26 -12.39
C ARG B 47 3.77 -13.49 -11.63
N VAL B 48 2.77 -12.93 -12.32
CA VAL B 48 1.70 -12.21 -11.67
C VAL B 48 0.36 -12.89 -11.93
N MET B 49 -0.31 -13.28 -10.86
CA MET B 49 -1.63 -13.89 -10.93
C MET B 49 -2.65 -12.79 -10.63
N VAL B 50 -3.49 -12.45 -11.61
CA VAL B 50 -4.50 -11.42 -11.42
C VAL B 50 -5.69 -11.99 -10.68
N THR B 51 -5.95 -11.54 -9.43
CA THR B 51 -7.12 -12.03 -8.68
C THR B 51 -8.41 -11.44 -9.29
N ASP B 52 -9.60 -12.01 -8.91
CA ASP B 52 -10.86 -11.41 -9.40
C ASP B 52 -11.21 -10.10 -8.64
N PHE B 53 -10.36 -9.65 -7.71
CA PHE B 53 -10.65 -8.48 -6.90
C PHE B 53 -10.59 -7.14 -7.61
N GLU B 54 -11.69 -6.38 -7.51
CA GLU B 54 -11.73 -5.04 -8.07
C GLU B 54 -12.67 -4.19 -7.23
N ASN B 55 -12.18 -3.07 -6.69
CA ASN B 55 -13.02 -2.15 -5.92
C ASN B 55 -12.43 -0.77 -6.18
N VAL B 56 -12.98 -0.05 -7.17
CA VAL B 56 -12.44 1.24 -7.56
C VAL B 56 -13.54 2.27 -7.70
N PRO B 57 -13.21 3.55 -7.46
CA PRO B 57 -14.20 4.60 -7.69
C PRO B 57 -14.31 4.94 -9.18
N GLU B 58 -15.42 5.55 -9.57
CA GLU B 58 -15.64 5.97 -10.95
C GLU B 58 -14.62 7.04 -11.36
N GLU B 59 -14.19 7.05 -12.63
CA GLU B 59 -13.24 8.06 -13.09
C GLU B 59 -13.87 9.45 -13.13
N ASP B 60 -13.06 10.49 -12.94
CA ASP B 60 -13.53 11.88 -12.96
C ASP B 60 -13.72 12.35 -14.40
N ALA B 68 -6.66 1.14 -22.45
CA ALA B 68 -6.19 0.23 -21.40
C ALA B 68 -4.72 0.45 -21.05
N SER B 69 -3.90 0.90 -22.02
CA SER B 69 -2.47 1.15 -21.86
C SER B 69 -2.15 2.16 -20.74
N LYS B 70 -2.95 3.21 -20.59
CA LYS B 70 -2.74 4.20 -19.55
C LYS B 70 -3.27 3.67 -18.20
N CYS B 71 -4.42 2.97 -18.23
CA CYS B 71 -5.05 2.39 -17.03
C CYS B 71 -4.09 1.53 -16.23
N ASP B 72 -3.28 0.71 -16.91
CA ASP B 72 -2.41 -0.24 -16.22
C ASP B 72 -0.96 0.18 -16.07
N SER B 73 -0.64 1.46 -16.33
CA SER B 73 0.74 1.92 -16.28
C SER B 73 1.44 1.72 -14.92
N HIS B 74 0.84 2.25 -13.84
CA HIS B 74 1.43 2.25 -12.53
C HIS B 74 1.71 0.85 -11.99
N GLY B 75 0.69 0.00 -11.97
CA GLY B 75 0.79 -1.34 -11.43
C GLY B 75 1.71 -2.25 -12.22
N THR B 76 1.68 -2.13 -13.57
CA THR B 76 2.56 -2.94 -14.42
C THR B 76 4.02 -2.64 -14.11
N HIS B 77 4.34 -1.36 -13.95
CA HIS B 77 5.73 -0.97 -13.67
C HIS B 77 6.17 -1.53 -12.31
N LEU B 78 5.32 -1.40 -11.26
CA LEU B 78 5.68 -1.88 -9.93
C LEU B 78 5.80 -3.38 -9.85
N ALA B 79 4.93 -4.11 -10.57
CA ALA B 79 5.06 -5.58 -10.61
C ALA B 79 6.43 -5.97 -11.22
N GLY B 80 6.86 -5.21 -12.23
CA GLY B 80 8.17 -5.40 -12.84
C GLY B 80 9.29 -5.10 -11.85
N VAL B 81 9.16 -4.02 -11.05
CA VAL B 81 10.18 -3.71 -10.05
C VAL B 81 10.37 -4.84 -9.05
N VAL B 82 9.24 -5.43 -8.59
CA VAL B 82 9.34 -6.52 -7.62
C VAL B 82 9.90 -7.82 -8.19
N SER B 83 9.36 -8.29 -9.31
CA SER B 83 9.66 -9.62 -9.82
C SER B 83 10.06 -9.76 -11.28
N GLY B 84 10.19 -8.67 -12.00
CA GLY B 84 10.48 -8.69 -13.42
C GLY B 84 11.69 -9.50 -13.86
N ARG B 85 11.55 -10.20 -15.00
CA ARG B 85 12.62 -11.04 -15.58
C ARG B 85 13.95 -10.31 -15.79
N ASP B 86 13.90 -9.13 -16.41
CA ASP B 86 15.10 -8.35 -16.72
C ASP B 86 15.46 -7.33 -15.66
N ALA B 87 14.46 -6.64 -15.06
CA ALA B 87 14.76 -5.55 -14.15
C ALA B 87 14.16 -5.63 -12.76
N GLY B 88 13.76 -6.84 -12.36
CA GLY B 88 13.15 -7.03 -11.04
C GLY B 88 14.15 -7.30 -9.95
N VAL B 89 13.74 -7.06 -8.70
CA VAL B 89 14.56 -7.25 -7.52
C VAL B 89 14.55 -8.72 -7.05
N ALA B 90 13.36 -9.30 -6.91
CA ALA B 90 13.17 -10.67 -6.43
C ALA B 90 12.54 -11.47 -7.58
N LYS B 91 13.37 -11.84 -8.55
CA LYS B 91 12.94 -12.51 -9.77
C LYS B 91 12.29 -13.89 -9.58
N GLY B 92 12.43 -14.48 -8.40
CA GLY B 92 11.82 -15.77 -8.10
C GLY B 92 10.48 -15.66 -7.38
N ALA B 93 10.15 -14.45 -6.88
CA ALA B 93 8.90 -14.27 -6.15
C ALA B 93 7.67 -14.33 -7.06
N SER B 94 6.56 -14.79 -6.52
CA SER B 94 5.30 -14.82 -7.22
C SER B 94 4.46 -13.66 -6.73
N MET B 95 3.61 -13.10 -7.59
CA MET B 95 2.78 -11.98 -7.20
C MET B 95 1.30 -12.25 -7.44
N ARG B 96 0.43 -11.62 -6.64
CA ARG B 96 -1.01 -11.70 -6.82
C ARG B 96 -1.50 -10.26 -6.78
N SER B 97 -2.22 -9.84 -7.81
CA SER B 97 -2.66 -8.44 -7.88
C SER B 97 -4.14 -8.23 -7.57
N LEU B 98 -4.44 -7.12 -6.87
CA LEU B 98 -5.81 -6.70 -6.54
C LEU B 98 -5.97 -5.30 -7.10
N ARG B 99 -7.09 -5.02 -7.74
CA ARG B 99 -7.28 -3.67 -8.31
C ARG B 99 -8.04 -2.78 -7.38
N VAL B 100 -7.33 -1.83 -6.72
CA VAL B 100 -7.95 -0.86 -5.82
C VAL B 100 -7.77 0.57 -6.34
N LEU B 101 -7.07 0.77 -7.47
CA LEU B 101 -6.88 2.13 -8.03
C LEU B 101 -7.44 2.15 -9.45
N ASN B 102 -8.20 3.19 -9.78
CA ASN B 102 -8.83 3.30 -11.09
C ASN B 102 -7.82 3.77 -12.19
N CYS B 103 -8.30 4.07 -13.41
CA CYS B 103 -7.41 4.48 -14.50
C CYS B 103 -6.61 5.75 -14.21
N GLN B 104 -7.11 6.60 -13.31
CA GLN B 104 -6.40 7.81 -12.92
C GLN B 104 -5.53 7.62 -11.65
N GLY B 105 -5.39 6.37 -11.19
CA GLY B 105 -4.60 6.07 -10.00
C GLY B 105 -5.31 6.42 -8.70
N LYS B 106 -6.65 6.57 -8.72
CA LYS B 106 -7.39 6.95 -7.52
C LYS B 106 -8.17 5.75 -6.97
N GLY B 107 -8.13 5.61 -5.65
CA GLY B 107 -8.90 4.60 -4.94
C GLY B 107 -9.60 5.19 -3.73
N THR B 108 -10.16 4.33 -2.90
CA THR B 108 -10.80 4.75 -1.68
C THR B 108 -10.21 3.98 -0.50
N VAL B 109 -10.33 4.56 0.70
CA VAL B 109 -9.94 3.85 1.92
C VAL B 109 -10.82 2.59 2.07
N SER B 110 -12.12 2.70 1.78
CA SER B 110 -13.00 1.53 1.90
C SER B 110 -12.60 0.39 0.96
N GLY B 111 -12.26 0.72 -0.28
CA GLY B 111 -11.82 -0.28 -1.25
C GLY B 111 -10.53 -0.95 -0.80
N THR B 112 -9.61 -0.16 -0.24
CA THR B 112 -8.35 -0.69 0.24
C THR B 112 -8.61 -1.62 1.44
N LEU B 113 -9.55 -1.25 2.34
CA LEU B 113 -9.90 -2.10 3.48
C LEU B 113 -10.47 -3.44 2.98
N ILE B 114 -11.36 -3.38 1.97
CA ILE B 114 -11.98 -4.59 1.43
C ILE B 114 -10.88 -5.47 0.79
N GLY B 115 -9.91 -4.85 0.12
CA GLY B 115 -8.78 -5.59 -0.46
C GLY B 115 -7.90 -6.25 0.57
N LEU B 116 -7.56 -5.55 1.68
CA LEU B 116 -6.74 -6.15 2.73
C LEU B 116 -7.47 -7.35 3.35
N GLU B 117 -8.78 -7.23 3.53
CA GLU B 117 -9.59 -8.32 4.10
C GLU B 117 -9.57 -9.51 3.10
N PHE B 118 -9.65 -9.23 1.79
CA PHE B 118 -9.62 -10.27 0.75
C PHE B 118 -8.29 -11.05 0.83
N ILE B 119 -7.17 -10.36 1.09
CA ILE B 119 -5.87 -11.03 1.18
C ILE B 119 -5.87 -12.00 2.35
N ARG B 120 -6.34 -11.56 3.52
CA ARG B 120 -6.39 -12.39 4.73
C ARG B 120 -7.29 -13.59 4.50
N LYS B 121 -8.45 -13.37 3.87
CA LYS B 121 -9.39 -14.49 3.59
C LYS B 121 -8.73 -15.50 2.65
N SER B 122 -8.04 -15.01 1.63
CA SER B 122 -7.38 -15.88 0.66
C SER B 122 -6.29 -16.72 1.32
N GLN B 123 -5.56 -16.14 2.26
CA GLN B 123 -4.52 -16.83 2.98
C GLN B 123 -5.09 -17.92 3.89
N LEU B 124 -6.23 -17.65 4.56
CA LEU B 124 -6.83 -18.63 5.46
C LEU B 124 -7.36 -19.85 4.69
N VAL B 125 -7.86 -19.62 3.47
CA VAL B 125 -8.43 -20.66 2.61
C VAL B 125 -7.32 -21.54 2.02
N GLN B 126 -6.21 -20.92 1.61
CA GLN B 126 -5.11 -21.67 0.99
C GLN B 126 -3.77 -21.11 1.43
N PRO B 127 -3.31 -21.53 2.62
CA PRO B 127 -2.04 -21.01 3.12
C PRO B 127 -0.86 -21.43 2.27
N VAL B 128 0.09 -20.52 2.10
CA VAL B 128 1.33 -20.78 1.37
C VAL B 128 2.50 -20.36 2.34
N GLY B 129 3.57 -19.72 1.83
CA GLY B 129 4.66 -19.31 2.68
C GLY B 129 4.43 -17.89 3.18
N PRO B 130 5.52 -17.23 3.58
CA PRO B 130 5.40 -15.83 4.04
C PRO B 130 4.77 -14.95 2.98
N LEU B 131 3.95 -13.99 3.44
CA LEU B 131 3.28 -13.06 2.55
C LEU B 131 3.82 -11.66 2.80
N VAL B 132 4.00 -10.95 1.70
CA VAL B 132 4.38 -9.52 1.72
C VAL B 132 3.28 -8.79 0.97
N VAL B 133 2.72 -7.72 1.55
CA VAL B 133 1.67 -6.94 0.90
C VAL B 133 2.26 -5.58 0.58
N LEU B 134 2.24 -5.20 -0.69
CA LEU B 134 2.79 -3.90 -1.14
C LEU B 134 1.61 -2.94 -1.38
N LEU B 135 1.64 -1.78 -0.67
CA LEU B 135 0.61 -0.74 -0.71
C LEU B 135 1.26 0.54 -1.29
N PRO B 136 1.31 0.64 -2.61
CA PRO B 136 1.99 1.79 -3.25
C PRO B 136 1.06 2.97 -3.42
N LEU B 137 0.38 3.34 -2.34
CA LEU B 137 -0.65 4.36 -2.37
C LEU B 137 -0.66 5.12 -1.05
N ALA B 138 -1.33 6.29 -1.04
CA ALA B 138 -1.45 7.08 0.16
C ALA B 138 -2.67 7.97 0.09
N GLY B 139 -3.26 8.17 1.24
CA GLY B 139 -4.31 9.17 1.45
C GLY B 139 -3.97 9.90 2.75
N GLY B 140 -4.92 10.69 3.25
CA GLY B 140 -4.72 11.37 4.52
C GLY B 140 -4.72 10.39 5.67
N TYR B 141 -4.24 10.79 6.85
CA TYR B 141 -4.25 9.96 8.06
C TYR B 141 -5.65 9.36 8.28
N SER B 142 -5.70 8.02 8.34
CA SER B 142 -6.97 7.31 8.48
C SER B 142 -6.86 6.36 9.67
N ARG B 143 -7.72 6.56 10.68
CA ARG B 143 -7.72 5.69 11.85
C ARG B 143 -8.06 4.25 11.40
N VAL B 144 -9.04 4.11 10.50
CA VAL B 144 -9.49 2.76 10.11
C VAL B 144 -8.46 2.05 9.23
N LEU B 145 -7.85 2.78 8.29
CA LEU B 145 -6.83 2.11 7.44
C LEU B 145 -5.63 1.70 8.27
N ASN B 146 -5.21 2.55 9.22
CA ASN B 146 -4.09 2.20 10.09
C ASN B 146 -4.44 1.00 10.95
N ALA B 147 -5.69 0.95 11.47
CA ALA B 147 -6.11 -0.20 12.30
C ALA B 147 -6.14 -1.50 11.48
N ALA B 148 -6.64 -1.45 10.24
CA ALA B 148 -6.71 -2.67 9.40
C ALA B 148 -5.28 -3.15 9.10
N CYS B 149 -4.36 -2.21 8.82
CA CYS B 149 -2.96 -2.59 8.59
C CYS B 149 -2.35 -3.20 9.84
N GLN B 150 -2.57 -2.58 11.00
CA GLN B 150 -2.04 -3.10 12.26
C GLN B 150 -2.56 -4.52 12.52
N ARG B 151 -3.86 -4.77 12.24
CA ARG B 151 -4.43 -6.09 12.50
C ARG B 151 -3.78 -7.12 11.56
N LEU B 152 -3.62 -6.77 10.27
CA LEU B 152 -3.04 -7.70 9.31
C LEU B 152 -1.58 -7.99 9.66
N ALA B 153 -0.82 -6.98 10.11
CA ALA B 153 0.58 -7.20 10.50
C ALA B 153 0.64 -8.08 11.76
N ARG B 154 -0.26 -7.84 12.73
CA ARG B 154 -0.26 -8.66 13.95
C ARG B 154 -0.67 -10.13 13.61
N ALA B 155 -1.42 -10.35 12.52
CA ALA B 155 -1.76 -11.70 12.08
C ALA B 155 -0.57 -12.43 11.40
N GLY B 156 0.57 -11.74 11.24
CA GLY B 156 1.77 -12.33 10.68
C GLY B 156 2.11 -12.00 9.23
N VAL B 157 1.39 -11.05 8.62
CA VAL B 157 1.61 -10.65 7.23
C VAL B 157 2.50 -9.40 7.20
N VAL B 158 3.50 -9.36 6.31
CA VAL B 158 4.42 -8.20 6.25
C VAL B 158 3.83 -7.16 5.29
N LEU B 159 3.70 -5.91 5.74
CA LEU B 159 3.15 -4.84 4.91
C LEU B 159 4.23 -3.81 4.61
N VAL B 160 4.33 -3.39 3.34
CA VAL B 160 5.30 -2.38 2.89
C VAL B 160 4.50 -1.30 2.18
N THR B 161 4.71 -0.01 2.54
CA THR B 161 3.95 1.05 1.89
C THR B 161 4.86 2.19 1.47
N ALA B 162 4.35 2.98 0.54
CA ALA B 162 5.02 4.19 0.08
C ALA B 162 4.93 5.26 1.18
N ALA B 163 6.01 6.03 1.40
CA ALA B 163 5.96 7.10 2.40
C ALA B 163 5.04 8.25 1.93
N GLY B 164 4.86 8.39 0.62
CA GLY B 164 4.07 9.49 0.06
C GLY B 164 4.99 10.47 -0.67
N ASN B 165 4.43 11.16 -1.68
CA ASN B 165 5.16 12.05 -2.58
C ASN B 165 4.81 13.52 -2.31
N PHE B 166 4.55 13.87 -1.06
CA PHE B 166 4.02 15.20 -0.74
C PHE B 166 5.04 16.16 -0.16
N ARG B 167 6.36 15.76 -0.10
CA ARG B 167 7.43 16.57 0.50
C ARG B 167 7.00 17.04 1.91
N ASP B 168 6.46 16.07 2.68
CA ASP B 168 5.85 16.38 3.96
C ASP B 168 6.12 15.25 4.98
N ASP B 169 5.67 15.45 6.23
CA ASP B 169 5.79 14.45 7.27
C ASP B 169 4.89 13.27 6.94
N ALA B 170 5.48 12.06 6.78
CA ALA B 170 4.69 10.87 6.43
C ALA B 170 3.66 10.54 7.51
N CYS B 171 3.82 11.01 8.76
CA CYS B 171 2.85 10.73 9.83
C CYS B 171 1.45 11.31 9.53
N LEU B 172 1.35 12.24 8.57
CA LEU B 172 0.04 12.83 8.24
C LEU B 172 -0.70 12.04 7.15
N TYR B 173 -0.13 10.89 6.70
CA TYR B 173 -0.72 10.12 5.61
C TYR B 173 -0.90 8.69 6.02
N SER B 174 -1.78 7.97 5.32
CA SER B 174 -1.98 6.54 5.60
C SER B 174 -1.96 5.78 4.29
N PRO B 175 -1.48 4.51 4.29
CA PRO B 175 -0.97 3.78 5.44
C PRO B 175 0.43 4.12 5.92
N ALA B 176 1.09 5.16 5.35
CA ALA B 176 2.44 5.52 5.80
C ALA B 176 2.59 5.67 7.31
N SER B 177 1.57 6.25 7.96
CA SER B 177 1.65 6.52 9.39
C SER B 177 1.47 5.33 10.31
N ALA B 178 1.09 4.17 9.78
CA ALA B 178 0.85 2.99 10.61
C ALA B 178 2.23 2.42 11.07
N PRO B 179 2.53 2.40 12.39
CA PRO B 179 3.85 1.91 12.85
C PRO B 179 4.19 0.45 12.53
N GLU B 180 3.17 -0.41 12.40
CA GLU B 180 3.39 -1.83 12.10
C GLU B 180 3.70 -2.09 10.61
N VAL B 181 3.56 -1.09 9.74
CA VAL B 181 3.84 -1.20 8.32
C VAL B 181 5.28 -0.68 8.08
N ILE B 182 6.02 -1.25 7.12
CA ILE B 182 7.34 -0.74 6.77
C ILE B 182 7.13 0.36 5.75
N THR B 183 7.47 1.61 6.15
CA THR B 183 7.19 2.81 5.35
C THR B 183 8.44 3.28 4.64
N VAL B 184 8.38 3.40 3.32
CA VAL B 184 9.58 3.61 2.54
C VAL B 184 9.60 4.94 1.80
N GLY B 185 10.64 5.73 2.06
CA GLY B 185 10.90 6.96 1.33
C GLY B 185 11.73 6.67 0.07
N ALA B 186 11.87 7.67 -0.82
CA ALA B 186 12.61 7.51 -2.06
C ALA B 186 13.89 8.33 -2.13
N THR B 187 14.98 7.69 -2.57
CA THR B 187 16.27 8.35 -2.81
C THR B 187 16.68 8.15 -4.27
N ASN B 188 17.57 9.02 -4.76
CA ASN B 188 18.01 8.99 -6.16
C ASN B 188 19.42 8.41 -6.30
N ALA B 189 20.02 8.48 -7.52
CA ALA B 189 21.35 7.90 -7.75
C ALA B 189 22.47 8.60 -6.97
N GLN B 190 22.23 9.81 -6.47
CA GLN B 190 23.19 10.49 -5.60
C GLN B 190 22.91 10.18 -4.12
N ASP B 191 21.98 9.25 -3.82
CA ASP B 191 21.47 8.86 -2.49
C ASP B 191 20.76 10.00 -1.78
N GLN B 192 20.22 10.96 -2.55
CA GLN B 192 19.55 12.10 -1.99
C GLN B 192 18.04 11.98 -2.12
N PRO B 193 17.29 12.69 -1.28
CA PRO B 193 15.81 12.54 -1.34
C PRO B 193 15.25 12.97 -2.69
N VAL B 194 14.34 12.16 -3.23
CA VAL B 194 13.81 12.40 -4.57
C VAL B 194 12.91 13.61 -4.64
N THR B 195 13.14 14.43 -5.68
CA THR B 195 12.23 15.53 -5.95
C THR B 195 11.29 15.08 -7.07
N LEU B 196 10.01 15.44 -6.96
CA LEU B 196 8.98 15.05 -7.91
C LEU B 196 8.21 16.33 -8.20
N GLY B 197 8.59 17.05 -9.25
CA GLY B 197 8.01 18.37 -9.53
C GLY B 197 8.37 19.33 -8.41
N THR B 198 7.39 20.09 -7.88
CA THR B 198 7.64 20.93 -6.72
C THR B 198 7.56 20.17 -5.39
N LEU B 199 7.16 18.88 -5.43
CA LEU B 199 7.09 18.07 -4.23
C LEU B 199 8.24 17.05 -4.22
N GLY B 200 8.05 15.90 -3.59
CA GLY B 200 9.13 14.92 -3.48
C GLY B 200 8.82 13.92 -2.40
N THR B 201 9.82 13.12 -2.03
CA THR B 201 9.56 12.09 -1.01
C THR B 201 9.15 12.71 0.33
N ASN B 202 8.28 12.01 1.05
CA ASN B 202 7.96 12.36 2.41
C ASN B 202 9.15 11.96 3.29
N PHE B 203 9.11 12.36 4.56
CA PHE B 203 10.18 12.20 5.51
C PHE B 203 9.60 12.14 6.95
N GLY B 204 10.47 12.17 7.95
CA GLY B 204 10.02 12.16 9.33
C GLY B 204 10.07 10.81 10.02
N ARG B 205 9.58 10.80 11.26
CA ARG B 205 9.66 9.66 12.17
C ARG B 205 8.84 8.45 11.75
N CYS B 206 7.85 8.63 10.86
CA CYS B 206 7.04 7.50 10.39
C CYS B 206 7.68 6.76 9.21
N VAL B 207 8.79 7.28 8.67
CA VAL B 207 9.52 6.62 7.58
C VAL B 207 10.51 5.66 8.25
N ASP B 208 10.56 4.41 7.77
CA ASP B 208 11.48 3.42 8.34
C ASP B 208 12.83 3.42 7.63
N LEU B 209 12.81 3.63 6.32
CA LEU B 209 14.02 3.66 5.54
C LEU B 209 13.71 4.19 4.14
N PHE B 210 14.77 4.48 3.38
CA PHE B 210 14.65 4.94 2.02
C PHE B 210 15.13 3.85 1.06
N ALA B 211 14.77 3.96 -0.19
CA ALA B 211 15.22 3.02 -1.22
C ALA B 211 15.19 3.71 -2.56
N PRO B 212 15.89 3.19 -3.56
CA PRO B 212 15.89 3.82 -4.90
C PRO B 212 14.49 4.09 -5.42
N GLY B 213 14.24 5.33 -5.82
CA GLY B 213 12.93 5.71 -6.33
C GLY B 213 12.97 6.79 -7.39
N GLU B 214 14.11 6.93 -8.09
CA GLU B 214 14.23 7.91 -9.16
C GLU B 214 14.67 7.22 -10.45
N ASP B 215 14.01 7.50 -11.58
CA ASP B 215 14.35 6.95 -12.89
C ASP B 215 14.55 5.44 -12.85
N ILE B 216 13.55 4.75 -12.29
CA ILE B 216 13.59 3.30 -12.16
C ILE B 216 13.08 2.66 -13.43
N ILE B 217 13.94 1.92 -14.12
CA ILE B 217 13.55 1.24 -15.35
C ILE B 217 12.66 0.06 -14.98
N GLY B 218 11.52 -0.03 -15.64
CA GLY B 218 10.58 -1.11 -15.39
C GLY B 218 9.59 -1.30 -16.52
N ALA B 219 8.81 -2.40 -16.46
CA ALA B 219 7.85 -2.69 -17.50
C ALA B 219 6.88 -1.56 -17.81
N SER B 220 6.72 -1.28 -19.10
CA SER B 220 5.80 -0.27 -19.59
C SER B 220 4.64 -0.98 -20.26
N SER B 221 3.40 -0.64 -19.87
CA SER B 221 2.23 -1.25 -20.47
C SER B 221 1.94 -0.77 -21.90
N ASP B 222 2.80 0.10 -22.49
CA ASP B 222 2.57 0.56 -23.86
C ASP B 222 2.74 -0.54 -24.91
N CYS B 223 3.56 -1.55 -24.62
CA CYS B 223 3.78 -2.71 -25.50
C CYS B 223 4.38 -3.89 -24.71
N SER B 224 4.22 -5.13 -25.22
CA SER B 224 4.65 -6.37 -24.56
C SER B 224 6.10 -6.41 -24.08
N THR B 225 6.99 -5.68 -24.74
CA THR B 225 8.40 -5.65 -24.37
C THR B 225 8.91 -4.25 -24.02
N CYS B 226 8.02 -3.25 -23.92
CA CYS B 226 8.39 -1.87 -23.64
C CYS B 226 8.82 -1.66 -22.20
N PHE B 227 9.74 -0.70 -22.00
CA PHE B 227 10.24 -0.32 -20.69
C PHE B 227 10.20 1.20 -20.55
N VAL B 228 9.95 1.68 -19.34
CA VAL B 228 9.90 3.11 -19.07
C VAL B 228 10.49 3.39 -17.68
N SER B 229 11.10 4.57 -17.50
CA SER B 229 11.66 4.93 -16.20
C SER B 229 10.60 5.72 -15.44
N GLN B 230 10.40 5.38 -14.15
CA GLN B 230 9.41 6.08 -13.32
C GLN B 230 10.02 6.42 -11.96
N SER B 231 9.49 7.46 -11.32
CA SER B 231 9.99 7.91 -10.03
C SER B 231 8.84 8.05 -9.03
N GLY B 232 9.15 7.85 -7.76
CA GLY B 232 8.17 7.98 -6.70
C GLY B 232 8.41 7.06 -5.51
N THR B 233 7.70 7.33 -4.40
CA THR B 233 7.81 6.46 -3.22
C THR B 233 7.17 5.07 -3.49
N SER B 234 6.31 4.92 -4.54
CA SER B 234 5.76 3.61 -4.89
CA SER B 234 5.78 3.59 -4.84
C SER B 234 6.93 2.71 -5.34
N GLN B 235 7.80 3.27 -6.22
CA GLN B 235 8.95 2.51 -6.72
C GLN B 235 9.90 2.15 -5.59
N ALA B 236 10.14 3.05 -4.65
CA ALA B 236 11.02 2.79 -3.51
C ALA B 236 10.41 1.64 -2.67
N ALA B 237 9.10 1.71 -2.40
CA ALA B 237 8.44 0.67 -1.61
C ALA B 237 8.51 -0.67 -2.34
N ALA B 238 8.41 -0.68 -3.68
CA ALA B 238 8.47 -1.92 -4.46
C ALA B 238 9.87 -2.54 -4.32
N HIS B 239 10.93 -1.70 -4.22
CA HIS B 239 12.27 -2.24 -3.99
C HIS B 239 12.33 -2.93 -2.64
N VAL B 240 11.76 -2.33 -1.58
CA VAL B 240 11.77 -2.89 -0.26
C VAL B 240 10.91 -4.16 -0.19
N ALA B 241 9.81 -4.22 -0.93
CA ALA B 241 9.00 -5.46 -0.97
C ALA B 241 9.85 -6.59 -1.61
N GLY B 242 10.63 -6.26 -2.63
CA GLY B 242 11.52 -7.25 -3.27
C GLY B 242 12.63 -7.69 -2.33
N ILE B 243 13.27 -6.76 -1.62
CA ILE B 243 14.32 -7.08 -0.66
C ILE B 243 13.76 -7.93 0.47
N ALA B 244 12.55 -7.59 0.96
CA ALA B 244 11.90 -8.38 2.02
C ALA B 244 11.62 -9.79 1.51
N ALA B 245 11.18 -9.93 0.24
CA ALA B 245 10.91 -11.27 -0.31
C ALA B 245 12.20 -12.08 -0.36
N MET B 246 13.34 -11.44 -0.70
CA MET B 246 14.62 -12.15 -0.72
C MET B 246 15.03 -12.55 0.68
N MET B 247 14.93 -11.63 1.66
CA MET B 247 15.31 -11.92 3.03
C MET B 247 14.46 -13.02 3.66
N LEU B 248 13.14 -12.95 3.47
CA LEU B 248 12.24 -13.98 4.01
C LEU B 248 12.43 -15.31 3.30
N SER B 249 12.78 -15.32 2.02
CA SER B 249 12.99 -16.61 1.34
C SER B 249 14.25 -17.30 1.85
N ALA B 250 15.27 -16.51 2.26
CA ALA B 250 16.52 -17.06 2.83
C ALA B 250 16.35 -17.45 4.28
N GLU B 251 15.54 -16.67 5.05
CA GLU B 251 15.30 -16.92 6.47
C GLU B 251 13.79 -16.88 6.71
N PRO B 252 13.05 -17.93 6.28
CA PRO B 252 11.58 -17.91 6.38
C PRO B 252 10.99 -17.80 7.78
N GLU B 253 11.74 -18.11 8.82
CA GLU B 253 11.21 -18.03 10.19
C GLU B 253 11.25 -16.62 10.79
N LEU B 254 11.81 -15.63 10.07
CA LEU B 254 11.90 -14.26 10.62
C LEU B 254 10.54 -13.71 11.05
N THR B 255 10.49 -13.12 12.24
CA THR B 255 9.28 -12.40 12.66
C THR B 255 9.36 -11.00 11.98
N LEU B 256 8.29 -10.19 12.07
CA LEU B 256 8.31 -8.84 11.53
C LEU B 256 9.40 -7.99 12.18
N ALA B 257 9.54 -8.08 13.52
CA ALA B 257 10.57 -7.34 14.23
C ALA B 257 11.98 -7.73 13.74
N GLU B 258 12.22 -9.05 13.56
CA GLU B 258 13.53 -9.50 13.07
C GLU B 258 13.78 -9.05 11.63
N LEU B 259 12.74 -9.05 10.78
CA LEU B 259 12.88 -8.60 9.40
C LEU B 259 13.24 -7.11 9.37
N ARG B 260 12.57 -6.29 10.19
CA ARG B 260 12.89 -4.86 10.23
C ARG B 260 14.33 -4.63 10.67
N GLN B 261 14.79 -5.41 11.65
CA GLN B 261 16.18 -5.33 12.11
C GLN B 261 17.15 -5.72 10.98
N ARG B 262 16.80 -6.74 10.15
CA ARG B 262 17.64 -7.13 9.02
C ARG B 262 17.69 -5.99 7.97
N LEU B 263 16.53 -5.38 7.68
CA LEU B 263 16.49 -4.30 6.69
C LEU B 263 17.41 -3.13 7.12
N ILE B 264 17.37 -2.79 8.40
CA ILE B 264 18.22 -1.71 8.92
C ILE B 264 19.68 -2.12 8.87
N HIS B 265 19.99 -3.34 9.34
CA HIS B 265 21.37 -3.86 9.35
C HIS B 265 22.03 -3.80 7.98
N PHE B 266 21.34 -4.27 6.94
CA PHE B 266 21.93 -4.31 5.61
C PHE B 266 21.82 -3.00 4.82
N SER B 267 21.16 -1.97 5.38
CA SER B 267 21.05 -0.68 4.70
C SER B 267 22.36 0.11 4.71
N ALA B 268 22.53 0.99 3.72
CA ALA B 268 23.66 1.91 3.71
C ALA B 268 23.30 3.02 4.72
N LYS B 269 24.24 3.36 5.62
CA LYS B 269 23.95 4.33 6.67
C LYS B 269 24.64 5.66 6.49
N ASP B 270 23.89 6.73 6.78
CA ASP B 270 24.38 8.11 6.78
C ASP B 270 24.87 8.64 5.44
N VAL B 271 24.37 8.08 4.32
CA VAL B 271 24.73 8.57 2.99
C VAL B 271 23.80 9.68 2.47
N ILE B 272 22.62 9.85 3.08
CA ILE B 272 21.70 10.90 2.66
C ILE B 272 22.15 12.23 3.25
N ASN B 273 22.15 13.30 2.45
CA ASN B 273 22.47 14.63 2.92
C ASN B 273 21.18 15.13 3.57
N GLU B 274 21.16 15.15 4.89
CA GLU B 274 20.00 15.57 5.69
C GLU B 274 19.58 17.03 5.47
N ALA B 275 20.45 17.86 4.90
CA ALA B 275 20.10 19.27 4.64
C ALA B 275 18.83 19.42 3.76
N TRP B 276 18.50 18.41 2.90
CA TRP B 276 17.30 18.52 2.05
C TRP B 276 16.00 18.49 2.88
N PHE B 277 16.04 17.85 4.04
CA PHE B 277 14.84 17.77 4.86
C PHE B 277 14.69 19.04 5.66
N PRO B 278 13.45 19.43 6.02
CA PRO B 278 13.28 20.60 6.91
C PRO B 278 14.06 20.39 8.21
N GLU B 279 14.62 21.47 8.75
CA GLU B 279 15.51 21.45 9.91
C GLU B 279 15.11 20.50 11.04
N ASP B 280 13.86 20.58 11.53
CA ASP B 280 13.40 19.76 12.65
C ASP B 280 13.21 18.29 12.30
N GLN B 281 13.09 17.97 11.00
CA GLN B 281 12.89 16.59 10.59
C GLN B 281 14.19 15.80 10.40
N ARG B 282 15.35 16.47 10.46
CA ARG B 282 16.63 15.83 10.24
C ARG B 282 16.96 14.75 11.27
N VAL B 283 16.75 15.03 12.57
CA VAL B 283 17.03 14.02 13.60
C VAL B 283 15.98 12.90 13.62
N LEU B 284 14.75 13.19 13.16
CA LEU B 284 13.64 12.26 13.17
C LEU B 284 13.61 11.31 11.98
N THR B 285 14.26 11.67 10.87
CA THR B 285 14.24 10.87 9.64
C THR B 285 15.39 9.89 9.61
N PRO B 286 15.12 8.58 9.45
CA PRO B 286 16.23 7.61 9.44
C PRO B 286 17.13 7.77 8.23
N ASN B 287 18.46 7.84 8.47
CA ASN B 287 19.41 7.99 7.38
C ASN B 287 19.85 6.60 6.94
N LEU B 288 18.97 5.94 6.18
CA LEU B 288 19.13 4.55 5.75
C LEU B 288 18.67 4.36 4.32
N VAL B 289 19.48 3.71 3.50
CA VAL B 289 19.09 3.35 2.13
C VAL B 289 19.14 1.83 2.01
N ALA B 290 17.99 1.20 1.75
CA ALA B 290 17.88 -0.27 1.69
C ALA B 290 18.85 -0.94 0.76
N ALA B 291 19.25 -2.16 1.13
CA ALA B 291 20.13 -3.00 0.31
C ALA B 291 19.91 -4.49 0.62
N LEU B 292 20.20 -5.35 -0.35
CA LEU B 292 20.12 -6.80 -0.22
C LEU B 292 21.25 -7.29 0.67
N PRO B 293 21.03 -8.41 1.38
CA PRO B 293 22.15 -9.01 2.14
C PRO B 293 23.14 -9.72 1.17
N PRO B 294 24.39 -9.96 1.57
CA PRO B 294 25.34 -10.65 0.67
C PRO B 294 25.11 -12.15 0.66
N Z9J C 1 18.88 -2.59 -21.18
CA Z9J C 1 20.10 -3.24 -20.67
C2 Z9J C 1 20.86 -2.33 -19.70
S1 Z9J C 1 19.80 -1.49 -18.49
C3 Z9J C 1 21.02 -0.29 -17.94
C4 Z9J C 1 21.26 0.75 -18.98
C5 Z9J C 1 22.52 0.90 -19.57
C6 Z9J C 1 22.73 1.86 -20.55
C7 Z9J C 1 21.69 2.71 -20.93
C8 Z9J C 1 20.43 2.57 -20.34
C9 Z9J C 1 19.32 3.46 -20.76
S2 Z9J C 1 19.50 5.21 -20.49
C10 Z9J C 1 19.83 5.18 -18.71
C11 Z9J C 1 19.38 6.43 -17.97
C Z9J C 1 17.86 6.53 -17.86
O Z9J C 1 17.21 5.60 -17.37
C13 Z9J C 1 20.22 1.60 -19.37
N ALA C 2 17.29 7.65 -18.31
CA ALA C 2 15.86 7.87 -18.22
C ALA C 2 15.19 7.84 -19.58
N DAL C 3 13.91 7.49 -19.62
CA DAL C 3 13.13 7.55 -20.84
CB DAL C 3 12.28 8.81 -20.85
C DAL C 3 12.29 6.34 -21.10
O DAL C 3 11.75 5.73 -20.17
C APD C 4 11.90 4.16 -23.95
O APD C 4 12.51 4.72 -24.86
CA APD C 4 11.22 5.00 -22.87
N APD C 4 12.11 6.03 -22.38
CB APD C 4 9.96 5.64 -23.42
CG APD C 4 8.97 4.69 -24.03
CD1 APD C 4 8.08 3.97 -23.23
CD2 APD C 4 8.89 4.53 -25.41
CE1 APD C 4 7.18 3.10 -23.78
CE2 APD C 4 7.98 3.65 -26.00
CZ APD C 4 7.14 2.93 -25.16
C5 APD C 4 7.94 3.46 -27.50
N FTR C 5 11.74 2.85 -23.89
CA FTR C 5 12.35 1.96 -24.87
CB FTR C 5 13.60 1.28 -24.28
CG FTR C 5 14.56 2.24 -23.64
CD2 FTR C 5 14.52 2.71 -22.29
CE2 FTR C 5 15.61 3.60 -22.12
CE3 FTR C 5 13.66 2.46 -21.20
CD1 FTR C 5 15.65 2.84 -24.21
NE1 FTR C 5 16.28 3.65 -23.31
CZ2 FTR C 5 15.87 4.24 -20.90
CZ3 FTR C 5 13.95 3.10 -20.02
F FTR C 5 13.14 2.87 -18.95
CH2 FTR C 5 15.00 3.99 -19.85
C FTR C 5 11.35 0.93 -25.31
O FTR C 5 10.45 0.54 -24.56
N GLN C 6 11.51 0.45 -26.55
CA GLN C 6 10.63 -0.57 -27.12
C GLN C 6 11.01 -2.01 -26.71
N THR C 7 12.22 -2.19 -26.14
CA THR C 7 12.79 -3.43 -25.63
C THR C 7 13.58 -3.09 -24.35
N 0A1 C 8 14.02 -4.10 -23.60
CA 0A1 C 8 14.79 -3.85 -22.38
CB 0A1 C 8 15.04 -5.17 -21.65
CG 0A1 C 8 15.90 -5.04 -20.42
CD1 0A1 C 8 15.53 -4.19 -19.38
CE1 0A1 C 8 16.32 -4.04 -18.25
CZ 0A1 C 8 17.48 -4.79 -18.12
OH 0A1 C 8 18.23 -4.64 -16.98
CM 0A1 C 8 19.36 -5.50 -16.78
CE2 0A1 C 8 17.87 -5.65 -19.16
CD2 0A1 C 8 17.07 -5.76 -20.29
C 0A1 C 8 16.13 -3.17 -22.72
O 0A1 C 8 16.91 -3.82 -23.44
CB 3WX C 9 17.40 0.20 -21.85
CA 3WX C 9 17.52 -1.13 -22.61
CG 3WX C 9 16.45 -0.11 -20.69
C 3WX C 9 18.87 -1.73 -22.20
N 3WX C 9 16.34 -1.93 -22.20
O 3WX C 9 19.90 -1.37 -22.78
C39 3WX C 9 17.51 -0.86 -24.10
CD 3WX C 9 15.50 -1.12 -21.30
C1 GOL D . -15.35 14.93 17.75
O1 GOL D . -15.22 15.81 16.65
C2 GOL D . -15.88 13.60 17.31
O2 GOL D . -14.80 12.69 17.08
C3 GOL D . -16.85 12.99 18.29
O3 GOL D . -17.59 11.95 17.65
#